data_4M4S
#
_entry.id   4M4S
#
_cell.length_a   142.860
_cell.length_b   142.860
_cell.length_c   218.410
_cell.angle_alpha   90.00
_cell.angle_beta   90.00
_cell.angle_gamma   120.00
#
_symmetry.space_group_name_H-M   'H 3 2'
#
loop_
_entity.id
_entity.type
_entity.pdbx_description
1 polymer 'Translation initiation factor 2 subunit gamma'
2 non-polymer 'FORMIC ACID'
3 non-polymer "GUANOSINE-5'-DIPHOSPHATE"
4 non-polymer 'MAGNESIUM ION'
5 non-polymer 'SODIUM ION'
6 water water
#
_entity_poly.entity_id   1
_entity_poly.type   'polypeptide(L)'
_entity_poly.pdbx_seq_one_letter_code
;MAWPKVQPEVNIGVVGHVDHGKTTLVQAITGIWTSKHSEELKRGMTIKLGYAETNIGVCESCKKPEAYVTEPSCKSCGSD
DEPKFLRRISFIDAPGHEVLMATMLSGAALMDGAILVVAANEPFPQPQTREHFVALGIIGVKNLIIVQNKVDVVSKEEAL
SQYRQIKQFTKGTWAENVPIIPVSALHKINIDSLIEGIEEYIKTPYRDLSQKPVMLVIRSADVNAPGTQFNELKGGVIGG
SIIQGLFKVDQEIKVLPGLRVEKQGKVSYEPIFTKISSIAFGDEEFKEAKPGGLVAIGTYLDPSLTKADNLLGSIITLAD
AEVPVLWNIRIKYNLLERVVGAKEMLKVDPIRAKETLMLSVGSSTTLGIVTSVKKDEIEVELRRPVAVWSNNIRTVISRQ
IAGRWRMIGWGLVEI
;
_entity_poly.pdbx_strand_id   A
#
loop_
_chem_comp.id
_chem_comp.type
_chem_comp.name
_chem_comp.formula
FMT non-polymer 'FORMIC ACID' 'C H2 O2'
GDP RNA linking GUANOSINE-5'-DIPHOSPHATE 'C10 H15 N5 O11 P2'
MG non-polymer 'MAGNESIUM ION' 'Mg 2'
NA non-polymer 'SODIUM ION' 'Na 1'
#
# COMPACT_ATOMS: atom_id res chain seq x y z
N ALA A 2 18.70 25.77 -1.96
CA ALA A 2 18.71 24.32 -1.79
C ALA A 2 17.29 23.76 -1.89
N TRP A 3 17.19 22.44 -1.83
CA TRP A 3 15.89 21.77 -1.89
C TRP A 3 15.23 21.79 -0.52
N PRO A 4 13.90 22.02 -0.50
CA PRO A 4 13.17 22.01 0.76
C PRO A 4 13.13 20.62 1.38
N LYS A 5 12.84 20.55 2.67
CA LYS A 5 12.58 19.29 3.34
C LYS A 5 11.11 19.23 3.72
N VAL A 6 10.34 18.52 2.90
CA VAL A 6 8.92 18.41 3.09
C VAL A 6 8.56 16.94 3.25
N GLN A 7 7.33 16.65 3.65
CA GLN A 7 6.86 15.29 3.71
C GLN A 7 6.60 14.79 2.29
N PRO A 8 6.59 13.46 2.08
CA PRO A 8 6.19 12.98 0.75
C PRO A 8 4.74 13.35 0.49
N GLU A 9 4.41 13.70 -0.75
CA GLU A 9 3.06 14.17 -1.04
C GLU A 9 2.22 13.14 -1.80
N VAL A 10 2.84 12.00 -2.12
CA VAL A 10 2.14 10.98 -2.89
C VAL A 10 2.73 9.59 -2.61
N ASN A 11 1.86 8.58 -2.54
CA ASN A 11 2.30 7.21 -2.34
C ASN A 11 2.17 6.40 -3.60
N ILE A 12 3.25 5.75 -4.02
CA ILE A 12 3.23 4.90 -5.20
C ILE A 12 3.48 3.43 -4.85
N GLY A 13 2.47 2.59 -5.08
CA GLY A 13 2.63 1.17 -4.88
C GLY A 13 3.59 0.55 -5.89
N VAL A 14 4.26 -0.51 -5.47
CA VAL A 14 5.04 -1.31 -6.40
C VAL A 14 4.57 -2.74 -6.25
N VAL A 15 3.93 -3.26 -7.29
CA VAL A 15 3.30 -4.56 -7.20
C VAL A 15 3.77 -5.48 -8.30
N GLY A 16 3.32 -6.73 -8.23
CA GLY A 16 3.69 -7.73 -9.22
C GLY A 16 4.11 -9.04 -8.58
N HIS A 17 4.30 -10.03 -9.43
CA HIS A 17 4.59 -11.40 -9.03
C HIS A 17 5.92 -11.52 -8.28
N VAL A 18 6.08 -12.59 -7.50
CA VAL A 18 7.29 -12.83 -6.72
C VAL A 18 8.55 -12.88 -7.62
N ASP A 19 9.64 -12.29 -7.14
CA ASP A 19 10.93 -12.27 -7.85
C ASP A 19 10.98 -11.46 -9.15
N HIS A 20 9.94 -10.68 -9.44
CA HIS A 20 9.96 -9.91 -10.67
C HIS A 20 10.80 -8.62 -10.61
N GLY A 21 11.16 -8.19 -9.39
CA GLY A 21 12.06 -7.07 -9.20
C GLY A 21 11.55 -5.84 -8.48
N LYS A 22 10.48 -6.00 -7.70
CA LYS A 22 9.86 -4.86 -7.01
C LYS A 22 10.83 -4.11 -6.07
N THR A 23 11.45 -4.86 -5.17
CA THR A 23 12.34 -4.27 -4.16
C THR A 23 13.58 -3.68 -4.85
N THR A 24 14.09 -4.37 -5.86
CA THR A 24 15.20 -3.87 -6.65
C THR A 24 14.82 -2.56 -7.37
N LEU A 25 13.61 -2.49 -7.90
CA LEU A 25 13.15 -1.27 -8.58
C LEU A 25 13.08 -0.10 -7.58
N VAL A 26 12.49 -0.35 -6.43
CA VAL A 26 12.47 0.68 -5.39
C VAL A 26 13.90 1.13 -5.04
N GLN A 27 14.84 0.18 -5.02
CA GLN A 27 16.23 0.57 -4.78
C GLN A 27 16.81 1.42 -5.93
N ALA A 28 16.47 1.08 -7.16
CA ALA A 28 16.99 1.79 -8.32
C ALA A 28 16.53 3.23 -8.28
N ILE A 29 15.29 3.44 -7.85
CA ILE A 29 14.75 4.79 -7.75
C ILE A 29 15.22 5.58 -6.52
N THR A 30 15.22 4.96 -5.34
CA THR A 30 15.43 5.68 -4.09
C THR A 30 16.82 5.50 -3.52
N GLY A 31 17.55 4.50 -4.01
CA GLY A 31 18.85 4.17 -3.47
C GLY A 31 18.74 3.20 -2.31
N ILE A 32 17.52 2.97 -1.84
CA ILE A 32 17.29 2.20 -0.62
C ILE A 32 16.79 0.77 -0.89
N TRP A 33 17.52 -0.20 -0.35
CA TRP A 33 17.04 -1.57 -0.30
C TRP A 33 16.38 -1.79 1.05
N THR A 34 15.06 -2.03 1.06
CA THR A 34 14.31 -2.01 2.31
C THR A 34 14.27 -3.32 3.09
N SER A 35 14.49 -4.45 2.42
CA SER A 35 14.37 -5.74 3.10
CA SER A 35 14.37 -5.75 3.08
C SER A 35 15.71 -6.25 3.63
N LYS A 36 15.64 -7.28 4.46
CA LYS A 36 16.79 -7.96 5.03
C LYS A 36 17.07 -9.18 4.18
N HIS A 37 18.28 -9.24 3.61
CA HIS A 37 18.65 -10.30 2.69
C HIS A 37 18.64 -11.70 3.30
N SER A 38 19.20 -11.82 4.51
CA SER A 38 19.28 -13.13 5.16
CA SER A 38 19.28 -13.12 5.19
C SER A 38 17.89 -13.65 5.54
N GLU A 39 17.02 -12.76 5.99
CA GLU A 39 15.65 -13.15 6.34
C GLU A 39 14.94 -13.67 5.10
N GLU A 40 15.10 -12.95 4.00
CA GLU A 40 14.46 -13.31 2.75
C GLU A 40 14.98 -14.66 2.27
N LEU A 41 16.29 -14.86 2.40
CA LEU A 41 16.90 -16.15 2.07
C LEU A 41 16.28 -17.29 2.89
N LYS A 42 16.23 -17.12 4.20
CA LYS A 42 15.75 -18.18 5.09
CA LYS A 42 15.75 -18.17 5.10
C LYS A 42 14.26 -18.48 4.93
N ARG A 43 13.46 -17.46 4.65
CA ARG A 43 12.01 -17.64 4.55
C ARG A 43 11.52 -17.85 3.12
N GLY A 44 12.35 -17.51 2.15
CA GLY A 44 11.93 -17.59 0.75
C GLY A 44 10.99 -16.47 0.37
N MET A 45 10.90 -15.45 1.23
CA MET A 45 9.96 -14.35 1.03
CA MET A 45 10.00 -14.32 0.99
C MET A 45 10.21 -13.24 2.04
N THR A 46 9.71 -12.04 1.73
CA THR A 46 9.70 -10.94 2.67
C THR A 46 8.23 -10.65 2.94
N ILE A 47 7.81 -10.81 4.20
CA ILE A 47 6.39 -10.69 4.52
C ILE A 47 5.96 -9.26 4.85
N LYS A 48 6.91 -8.42 5.26
CA LYS A 48 6.57 -7.02 5.57
C LYS A 48 6.44 -6.17 4.32
N LEU A 49 5.62 -5.13 4.41
CA LEU A 49 5.61 -4.09 3.40
C LEU A 49 6.98 -3.41 3.39
N GLY A 50 7.42 -2.96 2.21
CA GLY A 50 8.64 -2.18 2.10
C GLY A 50 8.30 -0.72 1.88
N TYR A 51 9.10 0.19 2.43
CA TYR A 51 8.80 1.62 2.32
C TYR A 51 10.09 2.45 2.16
N ALA A 52 10.08 3.37 1.20
CA ALA A 52 11.23 4.24 0.98
C ALA A 52 10.77 5.50 0.26
N GLU A 53 11.60 6.54 0.28
CA GLU A 53 11.20 7.85 -0.21
C GLU A 53 12.28 8.44 -1.10
N THR A 54 11.87 9.40 -1.92
CA THR A 54 12.85 10.20 -2.64
C THR A 54 12.28 11.53 -3.08
N ASN A 55 13.16 12.52 -3.18
CA ASN A 55 12.82 13.77 -3.85
C ASN A 55 12.94 13.55 -5.35
N ILE A 56 12.13 14.29 -6.10
CA ILE A 56 12.15 14.26 -7.56
C ILE A 56 12.40 15.68 -8.06
N GLY A 57 13.35 15.84 -8.96
CA GLY A 57 13.61 17.15 -9.54
C GLY A 57 13.78 17.09 -11.05
N VAL A 58 13.96 18.26 -11.67
CA VAL A 58 14.19 18.33 -13.11
C VAL A 58 15.24 19.39 -13.47
N CYS A 59 16.22 18.98 -14.26
CA CYS A 59 17.23 19.92 -14.75
C CYS A 59 16.70 20.60 -16.00
N GLU A 60 16.29 21.86 -15.84
CA GLU A 60 15.54 22.56 -16.88
C GLU A 60 16.32 22.84 -18.17
N SER A 61 17.64 22.75 -18.10
CA SER A 61 18.48 22.94 -19.28
C SER A 61 18.60 21.66 -20.10
N CYS A 62 18.81 20.54 -19.41
CA CYS A 62 18.98 19.24 -20.07
C CYS A 62 17.71 18.77 -20.76
N LYS A 63 17.82 17.76 -21.61
CA LYS A 63 16.64 17.20 -22.25
C LYS A 63 16.11 15.96 -21.54
N LYS A 64 14.84 15.66 -21.79
CA LYS A 64 14.18 14.54 -21.15
C LYS A 64 14.41 13.26 -21.95
N PRO A 65 14.38 12.09 -21.27
CA PRO A 65 14.04 11.88 -19.86
C PRO A 65 15.22 12.09 -18.89
N GLU A 66 16.43 12.23 -19.41
CA GLU A 66 17.59 12.30 -18.52
C GLU A 66 17.60 13.54 -17.63
N ALA A 67 16.82 14.56 -17.99
CA ALA A 67 16.68 15.75 -17.16
C ALA A 67 16.08 15.46 -15.79
N TYR A 68 15.30 14.39 -15.68
CA TYR A 68 14.72 14.01 -14.39
C TYR A 68 15.75 13.39 -13.46
N VAL A 69 15.72 13.81 -12.20
CA VAL A 69 16.70 13.38 -11.22
C VAL A 69 16.05 13.08 -9.87
N THR A 70 16.73 12.27 -9.06
CA THR A 70 16.18 11.88 -7.76
C THR A 70 17.06 12.38 -6.63
N GLU A 71 17.90 13.36 -6.93
CA GLU A 71 18.78 13.98 -5.94
C GLU A 71 19.17 15.35 -6.48
N PRO A 72 19.60 16.28 -5.59
CA PRO A 72 19.81 17.66 -6.06
C PRO A 72 21.12 17.83 -6.84
N SER A 73 21.19 17.18 -7.99
CA SER A 73 22.35 17.28 -8.86
C SER A 73 21.91 17.12 -10.31
N CYS A 74 22.64 17.75 -11.22
CA CYS A 74 22.34 17.62 -12.64
C CYS A 74 23.49 16.92 -13.38
N LYS A 75 24.37 16.28 -12.62
CA LYS A 75 25.53 15.61 -13.19
C LYS A 75 25.13 14.44 -14.10
N SER A 76 23.96 13.86 -13.86
CA SER A 76 23.52 12.68 -14.62
C SER A 76 23.09 13.05 -16.04
N CYS A 77 22.85 14.34 -16.27
CA CYS A 77 22.56 14.81 -17.61
C CYS A 77 23.64 15.80 -18.09
N GLY A 78 24.80 15.74 -17.42
CA GLY A 78 25.97 16.52 -17.82
C GLY A 78 25.85 18.03 -17.64
N SER A 79 25.31 18.46 -16.51
CA SER A 79 25.14 19.89 -16.23
C SER A 79 25.50 20.23 -14.80
N ASP A 80 25.99 21.44 -14.60
CA ASP A 80 26.43 21.91 -13.28
C ASP A 80 25.35 22.74 -12.58
N ASP A 81 24.26 23.00 -13.30
CA ASP A 81 23.14 23.75 -12.74
C ASP A 81 22.51 23.00 -11.57
N GLU A 82 21.70 23.72 -10.79
CA GLU A 82 20.92 23.09 -9.74
C GLU A 82 19.57 22.69 -10.32
N PRO A 83 19.16 21.45 -10.06
CA PRO A 83 17.86 20.97 -10.55
C PRO A 83 16.74 21.67 -9.80
N LYS A 84 15.61 21.87 -10.48
CA LYS A 84 14.42 22.42 -9.89
C LYS A 84 13.70 21.33 -9.12
N PHE A 85 13.42 21.56 -7.84
CA PHE A 85 12.67 20.60 -7.04
C PHE A 85 11.23 20.52 -7.53
N LEU A 86 10.71 19.30 -7.65
CA LEU A 86 9.34 19.10 -8.10
C LEU A 86 8.42 18.63 -6.97
N ARG A 87 8.74 17.49 -6.38
CA ARG A 87 7.97 16.95 -5.27
C ARG A 87 8.74 15.84 -4.60
N ARG A 88 8.27 15.42 -3.42
CA ARG A 88 8.82 14.26 -2.74
C ARG A 88 7.79 13.14 -2.83
N ILE A 89 8.25 11.94 -3.10
CA ILE A 89 7.34 10.83 -3.27
C ILE A 89 7.80 9.66 -2.42
N SER A 90 6.90 8.73 -2.17
CA SER A 90 7.23 7.54 -1.43
C SER A 90 6.70 6.32 -2.15
N PHE A 91 7.32 5.18 -1.87
CA PHE A 91 6.95 3.92 -2.50
C PHE A 91 6.49 2.92 -1.46
N ILE A 92 5.47 2.15 -1.81
CA ILE A 92 5.01 1.05 -0.97
C ILE A 92 5.23 -0.27 -1.70
N ASP A 93 6.25 -1.00 -1.25
CA ASP A 93 6.69 -2.25 -1.86
C ASP A 93 5.84 -3.41 -1.31
N ALA A 94 4.86 -3.84 -2.09
CA ALA A 94 3.94 -4.90 -1.65
C ALA A 94 4.49 -6.27 -2.00
N PRO A 95 4.31 -7.24 -1.10
CA PRO A 95 4.80 -8.59 -1.36
C PRO A 95 4.04 -9.29 -2.47
N GLY A 96 4.76 -9.99 -3.33
CA GLY A 96 4.17 -10.67 -4.48
C GLY A 96 3.87 -12.14 -4.26
N HIS A 97 4.46 -12.74 -3.23
CA HIS A 97 4.24 -14.16 -2.98
C HIS A 97 2.75 -14.47 -2.83
N GLU A 98 2.35 -15.63 -3.34
CA GLU A 98 0.93 -16.00 -3.39
C GLU A 98 0.27 -16.18 -2.03
N VAL A 99 1.06 -16.42 -0.97
CA VAL A 99 0.47 -16.55 0.36
C VAL A 99 0.23 -15.20 1.04
N LEU A 100 0.55 -14.10 0.37
CA LEU A 100 0.59 -12.79 1.04
C LEU A 100 -0.33 -11.71 0.46
N MET A 101 -1.37 -12.13 -0.27
CA MET A 101 -2.32 -11.16 -0.84
C MET A 101 -2.84 -10.16 0.19
N ALA A 102 -3.17 -10.67 1.38
CA ALA A 102 -3.74 -9.83 2.44
C ALA A 102 -2.81 -8.65 2.71
N THR A 103 -1.51 -8.93 2.76
CA THR A 103 -0.54 -7.88 3.02
C THR A 103 -0.54 -6.90 1.87
N MET A 104 -0.55 -7.45 0.65
CA MET A 104 -0.64 -6.58 -0.53
C MET A 104 -1.89 -5.69 -0.40
N LEU A 105 -3.01 -6.28 0.00
CA LEU A 105 -4.24 -5.52 0.03
C LEU A 105 -4.11 -4.43 1.08
N SER A 106 -3.45 -4.78 2.19
CA SER A 106 -3.24 -3.80 3.25
C SER A 106 -2.46 -2.62 2.64
N GLY A 107 -1.39 -2.95 1.92
CA GLY A 107 -0.53 -1.91 1.37
C GLY A 107 -1.31 -1.11 0.36
N ALA A 108 -2.23 -1.78 -0.33
CA ALA A 108 -2.92 -1.14 -1.43
C ALA A 108 -3.81 -0.03 -0.88
N ALA A 109 -4.19 -0.13 0.39
CA ALA A 109 -5.08 0.90 0.92
C ALA A 109 -4.36 2.25 0.98
N LEU A 110 -3.03 2.22 0.89
CA LEU A 110 -2.23 3.44 1.04
C LEU A 110 -1.80 4.07 -0.27
N MET A 111 -2.06 3.40 -1.39
CA MET A 111 -1.51 3.83 -2.67
C MET A 111 -2.35 4.91 -3.36
N ASP A 112 -1.68 5.94 -3.88
CA ASP A 112 -2.32 6.94 -4.74
C ASP A 112 -2.15 6.57 -6.22
N GLY A 113 -1.18 5.71 -6.49
CA GLY A 113 -0.89 5.23 -7.82
C GLY A 113 -0.05 3.98 -7.68
N ALA A 114 0.30 3.36 -8.80
CA ALA A 114 1.07 2.12 -8.74
C ALA A 114 1.94 1.85 -9.96
N ILE A 115 3.00 1.08 -9.72
CA ILE A 115 3.82 0.51 -10.75
C ILE A 115 3.67 -1.01 -10.67
N LEU A 116 3.25 -1.63 -11.76
CA LEU A 116 3.18 -3.07 -11.85
C LEU A 116 4.45 -3.58 -12.51
N VAL A 117 5.22 -4.37 -11.79
CA VAL A 117 6.50 -4.88 -12.29
C VAL A 117 6.33 -6.23 -12.97
N VAL A 118 6.73 -6.32 -14.23
CA VAL A 118 6.60 -7.55 -15.00
C VAL A 118 7.98 -8.00 -15.44
N ALA A 119 8.41 -9.18 -15.02
CA ALA A 119 9.71 -9.70 -15.43
C ALA A 119 9.64 -10.10 -16.90
N ALA A 120 10.56 -9.57 -17.71
CA ALA A 120 10.59 -9.85 -19.15
C ALA A 120 10.91 -11.31 -19.49
N ASN A 121 11.55 -12.02 -18.57
CA ASN A 121 11.97 -13.39 -18.82
C ASN A 121 11.03 -14.46 -18.26
N GLU A 122 9.79 -14.09 -17.99
CA GLU A 122 8.81 -15.05 -17.50
C GLU A 122 7.53 -14.86 -18.28
N PRO A 123 6.74 -15.94 -18.44
CA PRO A 123 5.47 -15.88 -19.15
C PRO A 123 4.50 -14.87 -18.52
N PHE A 124 3.99 -13.94 -19.33
CA PHE A 124 3.01 -12.97 -18.88
C PHE A 124 1.60 -13.40 -19.28
N PRO A 125 0.62 -13.30 -18.35
CA PRO A 125 0.76 -12.80 -16.98
C PRO A 125 0.80 -13.90 -15.91
N GLN A 126 1.78 -13.82 -15.03
CA GLN A 126 1.86 -14.74 -13.89
C GLN A 126 0.64 -14.52 -12.98
N PRO A 127 0.30 -15.54 -12.16
CA PRO A 127 -0.89 -15.43 -11.30
C PRO A 127 -0.96 -14.16 -10.44
N GLN A 128 0.14 -13.75 -9.80
CA GLN A 128 0.07 -12.54 -8.99
C GLN A 128 0.19 -11.25 -9.80
N THR A 129 0.67 -11.34 -11.03
CA THR A 129 0.54 -10.22 -11.96
C THR A 129 -0.94 -9.92 -12.17
N ARG A 130 -1.72 -10.97 -12.48
CA ARG A 130 -3.15 -10.80 -12.68
CA ARG A 130 -3.16 -10.85 -12.67
C ARG A 130 -3.83 -10.36 -11.39
N GLU A 131 -3.54 -11.06 -10.30
CA GLU A 131 -4.21 -10.78 -9.04
C GLU A 131 -3.96 -9.35 -8.57
N HIS A 132 -2.71 -8.90 -8.67
CA HIS A 132 -2.38 -7.55 -8.26
C HIS A 132 -3.00 -6.51 -9.19
N PHE A 133 -2.95 -6.76 -10.51
CA PHE A 133 -3.58 -5.87 -11.47
C PHE A 133 -5.08 -5.69 -11.17
N VAL A 134 -5.77 -6.81 -10.99
CA VAL A 134 -7.20 -6.79 -10.72
C VAL A 134 -7.50 -6.12 -9.38
N ALA A 135 -6.68 -6.40 -8.36
CA ALA A 135 -6.85 -5.74 -7.05
C ALA A 135 -6.75 -4.22 -7.20
N LEU A 136 -5.74 -3.77 -7.96
CA LEU A 136 -5.58 -2.33 -8.19
C LEU A 136 -6.83 -1.78 -8.86
N GLY A 137 -7.35 -2.51 -9.85
CA GLY A 137 -8.58 -2.10 -10.51
C GLY A 137 -9.76 -1.95 -9.57
N ILE A 138 -10.02 -2.98 -8.77
CA ILE A 138 -11.11 -3.01 -7.81
C ILE A 138 -11.01 -1.88 -6.80
N ILE A 139 -9.82 -1.67 -6.27
CA ILE A 139 -9.62 -0.66 -5.23
C ILE A 139 -9.64 0.76 -5.80
N GLY A 140 -9.39 0.89 -7.10
CA GLY A 140 -9.44 2.20 -7.73
C GLY A 140 -8.09 2.88 -7.84
N VAL A 141 -7.02 2.11 -7.67
CA VAL A 141 -5.68 2.62 -7.93
C VAL A 141 -5.38 2.47 -9.42
N LYS A 142 -5.92 3.39 -10.22
CA LYS A 142 -5.86 3.25 -11.67
C LYS A 142 -4.85 4.16 -12.36
N ASN A 143 -4.16 4.98 -11.57
CA ASN A 143 -2.99 5.67 -12.10
C ASN A 143 -1.83 4.69 -12.10
N LEU A 144 -1.73 3.93 -13.19
CA LEU A 144 -0.84 2.80 -13.26
C LEU A 144 0.26 2.98 -14.30
N ILE A 145 1.45 2.53 -13.96
CA ILE A 145 2.52 2.36 -14.94
C ILE A 145 2.93 0.90 -14.94
N ILE A 146 3.02 0.28 -16.11
CA ILE A 146 3.57 -1.07 -16.21
C ILE A 146 5.04 -0.98 -16.57
N VAL A 147 5.87 -1.70 -15.84
CA VAL A 147 7.30 -1.70 -16.11
C VAL A 147 7.72 -3.09 -16.56
N GLN A 148 8.42 -3.17 -17.68
CA GLN A 148 8.99 -4.43 -18.13
C GLN A 148 10.43 -4.48 -17.60
N ASN A 149 10.64 -5.28 -16.55
CA ASN A 149 11.90 -5.34 -15.86
C ASN A 149 12.76 -6.49 -16.38
N LYS A 150 14.07 -6.44 -16.10
CA LYS A 150 15.01 -7.48 -16.48
C LYS A 150 15.23 -7.54 -18.00
N VAL A 151 15.15 -6.39 -18.66
CA VAL A 151 15.35 -6.36 -20.11
C VAL A 151 16.77 -6.73 -20.47
N ASP A 152 17.67 -6.64 -19.50
CA ASP A 152 19.06 -7.01 -19.73
C ASP A 152 19.24 -8.50 -20.01
N VAL A 153 18.27 -9.33 -19.65
CA VAL A 153 18.45 -10.76 -19.87
C VAL A 153 17.71 -11.32 -21.10
N VAL A 154 16.94 -10.48 -21.77
CA VAL A 154 16.21 -10.94 -22.95
C VAL A 154 16.64 -10.20 -24.19
N SER A 155 16.36 -10.78 -25.35
CA SER A 155 16.66 -10.14 -26.62
C SER A 155 15.58 -9.13 -26.97
N LYS A 156 15.82 -8.35 -28.02
CA LYS A 156 14.83 -7.39 -28.49
C LYS A 156 13.54 -8.10 -28.93
N GLU A 157 13.69 -9.26 -29.57
CA GLU A 157 12.51 -10.00 -30.05
C GLU A 157 11.66 -10.54 -28.90
N GLU A 158 12.32 -11.09 -27.88
CA GLU A 158 11.62 -11.59 -26.69
C GLU A 158 10.85 -10.47 -25.97
N ALA A 159 11.52 -9.34 -25.82
CA ALA A 159 10.92 -8.20 -25.16
C ALA A 159 9.73 -7.70 -25.96
N LEU A 160 9.87 -7.66 -27.28
CA LEU A 160 8.79 -7.20 -28.17
C LEU A 160 7.58 -8.12 -28.05
N SER A 161 7.84 -9.43 -28.11
CA SER A 161 6.80 -10.44 -27.98
C SER A 161 6.02 -10.27 -26.68
N GLN A 162 6.75 -10.10 -25.58
CA GLN A 162 6.06 -9.91 -24.30
C GLN A 162 5.25 -8.62 -24.31
N TYR A 163 5.85 -7.56 -24.85
CA TYR A 163 5.16 -6.28 -24.98
C TYR A 163 3.81 -6.45 -25.69
N ARG A 164 3.80 -7.25 -26.75
CA ARG A 164 2.56 -7.52 -27.47
C ARG A 164 1.56 -8.27 -26.59
N GLN A 165 2.07 -9.22 -25.81
CA GLN A 165 1.20 -9.89 -24.84
C GLN A 165 0.56 -8.92 -23.84
N ILE A 166 1.33 -7.94 -23.37
CA ILE A 166 0.87 -6.99 -22.36
C ILE A 166 -0.16 -6.03 -22.95
N LYS A 167 0.11 -5.54 -24.15
CA LYS A 167 -0.83 -4.70 -24.86
C LYS A 167 -2.14 -5.44 -25.08
N GLN A 168 -2.04 -6.72 -25.43
CA GLN A 168 -3.25 -7.52 -25.63
C GLN A 168 -4.02 -7.66 -24.31
N PHE A 169 -3.28 -7.81 -23.22
CA PHE A 169 -3.90 -7.92 -21.90
C PHE A 169 -4.64 -6.63 -21.48
N THR A 170 -4.01 -5.47 -21.65
CA THR A 170 -4.62 -4.24 -21.19
C THR A 170 -5.71 -3.74 -22.12
N LYS A 171 -5.69 -4.22 -23.37
CA LYS A 171 -6.64 -3.83 -24.39
C LYS A 171 -8.07 -4.16 -23.96
N GLY A 172 -8.94 -3.16 -24.03
CA GLY A 172 -10.34 -3.35 -23.68
C GLY A 172 -10.60 -3.34 -22.19
N THR A 173 -9.65 -2.82 -21.43
CA THR A 173 -9.81 -2.71 -19.98
C THR A 173 -9.59 -1.26 -19.59
N TRP A 174 -9.70 -0.97 -18.30
CA TRP A 174 -9.45 0.39 -17.83
C TRP A 174 -7.99 0.80 -18.02
N ALA A 175 -7.11 -0.17 -18.20
CA ALA A 175 -5.68 0.10 -18.34
C ALA A 175 -5.21 0.17 -19.79
N GLU A 176 -6.15 0.25 -20.72
CA GLU A 176 -5.84 0.23 -22.16
C GLU A 176 -4.74 1.22 -22.57
N ASN A 177 -4.73 2.40 -21.94
CA ASN A 177 -3.72 3.39 -22.29
C ASN A 177 -2.57 3.52 -21.29
N VAL A 178 -2.46 2.58 -20.37
CA VAL A 178 -1.36 2.57 -19.41
C VAL A 178 -0.04 2.37 -20.15
N PRO A 179 0.97 3.21 -19.84
CA PRO A 179 2.27 3.09 -20.52
C PRO A 179 3.05 1.85 -20.08
N ILE A 180 3.88 1.32 -20.98
CA ILE A 180 4.72 0.19 -20.66
C ILE A 180 6.17 0.61 -20.87
N ILE A 181 6.93 0.66 -19.78
CA ILE A 181 8.27 1.21 -19.81
C ILE A 181 9.28 0.11 -19.50
N PRO A 182 10.22 -0.14 -20.43
CA PRO A 182 11.24 -1.17 -20.22
C PRO A 182 12.37 -0.66 -19.34
N VAL A 183 12.75 -1.45 -18.33
CA VAL A 183 13.86 -1.07 -17.47
C VAL A 183 14.66 -2.28 -17.04
N SER A 184 15.86 -2.01 -16.53
CA SER A 184 16.55 -2.97 -15.70
C SER A 184 16.69 -2.32 -14.34
N ALA A 185 16.01 -2.84 -13.34
CA ALA A 185 16.16 -2.32 -11.98
C ALA A 185 17.57 -2.58 -11.44
N LEU A 186 18.09 -3.79 -11.69
CA LEU A 186 19.40 -4.19 -11.21
C LEU A 186 20.51 -3.30 -11.76
N HIS A 187 20.40 -2.95 -13.03
CA HIS A 187 21.47 -2.21 -13.70
C HIS A 187 21.13 -0.74 -13.89
N LYS A 188 19.99 -0.32 -13.32
CA LYS A 188 19.51 1.06 -13.45
C LYS A 188 19.46 1.54 -14.90
N ILE A 189 18.88 0.71 -15.76
CA ILE A 189 18.72 1.07 -17.15
C ILE A 189 17.35 1.68 -17.37
N ASN A 190 17.34 2.89 -17.91
CA ASN A 190 16.12 3.58 -18.33
C ASN A 190 15.20 3.98 -17.17
N ILE A 191 15.80 4.17 -16.00
CA ILE A 191 15.07 4.64 -14.82
C ILE A 191 14.57 6.07 -14.99
N ASP A 192 15.31 6.88 -15.74
CA ASP A 192 14.89 8.27 -15.98
C ASP A 192 13.57 8.34 -16.73
N SER A 193 13.37 7.45 -17.70
CA SER A 193 12.08 7.37 -18.39
C SER A 193 10.99 6.96 -17.42
N LEU A 194 11.35 6.14 -16.43
CA LEU A 194 10.37 5.75 -15.42
C LEU A 194 9.98 6.95 -14.55
N ILE A 195 10.96 7.77 -14.15
CA ILE A 195 10.67 8.97 -13.37
C ILE A 195 9.77 9.90 -14.15
N GLU A 196 10.16 10.16 -15.40
CA GLU A 196 9.35 10.93 -16.33
C GLU A 196 7.91 10.41 -16.38
N GLY A 197 7.79 9.09 -16.48
CA GLY A 197 6.48 8.45 -16.49
C GLY A 197 5.71 8.69 -15.21
N ILE A 198 6.39 8.65 -14.07
CA ILE A 198 5.75 8.89 -12.78
C ILE A 198 5.21 10.32 -12.72
N GLU A 199 6.01 11.28 -13.15
CA GLU A 199 5.56 12.66 -13.23
C GLU A 199 4.38 12.83 -14.17
N GLU A 200 4.37 12.10 -15.28
CA GLU A 200 3.27 12.24 -16.24
C GLU A 200 1.96 11.55 -15.83
N TYR A 201 2.08 10.34 -15.30
CA TYR A 201 0.92 9.44 -15.17
C TYR A 201 0.44 9.26 -13.74
N ILE A 202 1.28 9.64 -12.78
CA ILE A 202 0.87 9.56 -11.37
C ILE A 202 1.01 10.92 -10.72
N LYS A 203 0.09 11.82 -11.07
CA LYS A 203 0.04 13.16 -10.50
C LYS A 203 -0.35 13.07 -9.03
N THR A 204 0.16 14.00 -8.23
CA THR A 204 -0.30 14.11 -6.84
C THR A 204 -1.79 14.41 -6.85
N PRO A 205 -2.59 13.58 -6.17
CA PRO A 205 -4.04 13.79 -6.15
C PRO A 205 -4.43 15.05 -5.40
N TYR A 206 -5.63 15.56 -5.69
CA TYR A 206 -6.19 16.66 -4.92
C TYR A 206 -6.51 16.17 -3.50
N ARG A 207 -6.05 16.93 -2.51
CA ARG A 207 -6.34 16.63 -1.12
C ARG A 207 -7.26 17.71 -0.55
N ASP A 208 -8.44 17.32 -0.11
CA ASP A 208 -9.34 18.25 0.56
C ASP A 208 -9.00 18.30 2.04
N LEU A 209 -8.22 19.30 2.45
CA LEU A 209 -7.74 19.32 3.84
C LEU A 209 -8.81 19.67 4.87
N SER A 210 -10.04 19.87 4.42
CA SER A 210 -11.13 20.19 5.33
C SER A 210 -11.81 18.94 5.85
N GLN A 211 -11.56 17.81 5.21
CA GLN A 211 -12.16 16.55 5.64
C GLN A 211 -11.66 16.13 7.02
N LYS A 212 -12.46 15.33 7.72
CA LYS A 212 -12.05 14.86 9.04
C LYS A 212 -10.81 14.00 8.89
N PRO A 213 -9.81 14.25 9.72
CA PRO A 213 -8.55 13.53 9.65
C PRO A 213 -8.73 12.04 9.89
N VAL A 214 -8.21 11.21 9.00
CA VAL A 214 -8.22 9.76 9.21
C VAL A 214 -6.88 9.18 8.79
N MET A 215 -6.29 8.37 9.66
CA MET A 215 -5.02 7.76 9.35
C MET A 215 -5.16 6.25 9.43
N LEU A 216 -4.69 5.55 8.39
CA LEU A 216 -4.66 4.09 8.39
C LEU A 216 -3.35 3.65 9.01
N VAL A 217 -3.45 2.78 10.02
CA VAL A 217 -2.29 2.38 10.81
C VAL A 217 -1.57 1.18 10.20
N ILE A 218 -0.26 1.27 10.11
CA ILE A 218 0.58 0.14 9.72
C ILE A 218 1.41 -0.22 10.94
N ARG A 219 1.18 -1.38 11.51
CA ARG A 219 1.93 -1.81 12.68
C ARG A 219 3.43 -1.94 12.35
N SER A 220 4.27 -1.54 13.28
CA SER A 220 5.71 -1.48 13.07
C SER A 220 6.29 -2.85 12.69
N ALA A 221 5.66 -3.90 13.16
CA ALA A 221 6.11 -5.25 12.88
C ALA A 221 5.75 -5.66 11.45
N ASP A 222 4.97 -4.83 10.77
CA ASP A 222 4.48 -5.19 9.43
C ASP A 222 5.14 -4.40 8.30
N VAL A 223 6.12 -3.56 8.64
CA VAL A 223 6.73 -2.71 7.62
C VAL A 223 8.24 -2.53 7.82
N ASN A 224 8.97 -2.59 6.71
CA ASN A 224 10.37 -2.20 6.67
C ASN A 224 10.48 -0.77 6.16
N ALA A 225 10.68 0.16 7.09
CA ALA A 225 10.84 1.57 6.76
C ALA A 225 12.14 2.09 7.39
N PRO A 226 13.28 1.65 6.86
CA PRO A 226 14.58 1.95 7.49
C PRO A 226 14.88 3.44 7.56
N GLY A 227 14.28 4.24 6.69
CA GLY A 227 14.57 5.66 6.67
C GLY A 227 13.69 6.52 7.56
N THR A 228 12.74 5.91 8.24
CA THR A 228 11.77 6.67 9.04
C THR A 228 12.08 6.60 10.52
N GLN A 229 12.22 7.77 11.14
CA GLN A 229 12.55 7.89 12.56
C GLN A 229 11.36 7.51 13.45
N PHE A 230 11.57 6.51 14.30
CA PHE A 230 10.58 6.17 15.33
C PHE A 230 11.18 6.38 16.71
N ASN A 231 11.14 7.63 17.19
CA ASN A 231 11.74 8.01 18.46
C ASN A 231 10.75 7.87 19.62
N GLU A 232 11.01 6.91 20.51
CA GLU A 232 10.11 6.60 21.63
C GLU A 232 10.36 7.39 22.91
N LEU A 233 11.14 8.46 22.82
CA LEU A 233 11.50 9.27 23.99
C LEU A 233 10.29 9.65 24.87
N LYS A 234 9.22 10.12 24.22
CA LYS A 234 8.05 10.58 24.97
CA LYS A 234 8.04 10.58 24.93
C LYS A 234 6.95 9.53 25.02
N GLY A 235 7.19 8.37 24.42
CA GLY A 235 6.18 7.33 24.38
C GLY A 235 6.13 6.61 23.05
N GLY A 236 5.19 5.67 22.94
CA GLY A 236 5.03 4.88 21.73
C GLY A 236 4.77 5.68 20.47
N VAL A 237 5.43 5.29 19.39
CA VAL A 237 5.20 5.90 18.09
C VAL A 237 4.33 4.98 17.25
N ILE A 238 3.31 5.53 16.62
CA ILE A 238 2.41 4.77 15.76
C ILE A 238 2.57 5.23 14.31
N GLY A 239 2.91 4.29 13.44
CA GLY A 239 3.16 4.62 12.04
C GLY A 239 1.96 4.34 11.16
N GLY A 240 1.91 5.00 10.01
CA GLY A 240 0.83 4.71 9.07
C GLY A 240 0.76 5.76 8.00
N SER A 241 -0.37 5.87 7.32
CA SER A 241 -0.50 6.88 6.30
C SER A 241 -1.85 7.57 6.41
N ILE A 242 -1.83 8.90 6.30
CA ILE A 242 -3.04 9.69 6.42
C ILE A 242 -3.75 9.68 5.07
N ILE A 243 -5.01 9.25 5.06
CA ILE A 243 -5.74 9.17 3.81
C ILE A 243 -6.67 10.37 3.58
N GLN A 244 -6.96 11.13 4.63
CA GLN A 244 -7.69 12.38 4.47
C GLN A 244 -7.47 13.37 5.62
N GLY A 245 -7.52 14.64 5.28
CA GLY A 245 -7.39 15.72 6.24
C GLY A 245 -5.97 15.87 6.73
N LEU A 246 -5.81 16.53 7.88
CA LEU A 246 -4.47 16.65 8.45
C LEU A 246 -4.46 16.53 9.96
N PHE A 247 -3.30 16.17 10.51
CA PHE A 247 -3.12 16.06 11.93
C PHE A 247 -2.06 17.07 12.36
N LYS A 248 -2.11 17.50 13.62
CA LYS A 248 -1.18 18.51 14.12
C LYS A 248 -0.66 18.13 15.51
N VAL A 249 0.58 18.53 15.81
CA VAL A 249 1.17 18.31 17.12
C VAL A 249 0.27 18.89 18.22
N ASP A 250 0.13 18.12 19.31
CA ASP A 250 -0.66 18.48 20.50
C ASP A 250 -2.14 18.18 20.35
N GLN A 251 -2.56 17.77 19.16
CA GLN A 251 -3.96 17.39 18.97
C GLN A 251 -4.31 16.14 19.76
N GLU A 252 -5.53 16.09 20.26
CA GLU A 252 -6.06 14.89 20.91
C GLU A 252 -6.58 13.94 19.85
N ILE A 253 -6.19 12.66 19.97
CA ILE A 253 -6.55 11.67 18.98
C ILE A 253 -6.99 10.38 19.67
N LYS A 254 -7.55 9.46 18.90
CA LYS A 254 -7.86 8.13 19.42
C LYS A 254 -7.48 7.05 18.43
N VAL A 255 -7.09 5.91 18.98
CA VAL A 255 -6.74 4.73 18.22
C VAL A 255 -7.95 3.79 18.24
N LEU A 256 -8.44 3.41 17.07
CA LEU A 256 -9.64 2.56 16.95
C LEU A 256 -9.36 1.33 16.10
N PRO A 257 -10.08 0.22 16.36
CA PRO A 257 -11.04 -0.05 17.44
C PRO A 257 -10.48 0.14 18.85
N GLY A 258 -9.22 -0.21 19.05
CA GLY A 258 -8.57 0.09 20.32
C GLY A 258 -8.20 -1.13 21.13
N LEU A 259 -8.30 -1.03 22.45
CA LEU A 259 -7.79 -2.06 23.35
C LEU A 259 -8.80 -3.16 23.63
N ARG A 260 -8.36 -4.41 23.53
CA ARG A 260 -9.18 -5.55 23.92
C ARG A 260 -9.31 -5.59 25.44
N VAL A 261 -10.54 -5.67 25.94
CA VAL A 261 -10.75 -5.52 27.39
C VAL A 261 -11.05 -6.80 28.20
N GLU A 262 -12.14 -7.49 27.85
CA GLU A 262 -12.58 -8.70 28.55
C GLU A 262 -12.98 -8.51 30.03
N LYS A 263 -14.25 -8.19 30.25
CA LYS A 263 -14.82 -8.10 31.59
C LYS A 263 -15.90 -9.16 31.75
N GLN A 264 -15.63 -10.18 32.56
CA GLN A 264 -16.61 -11.21 32.90
C GLN A 264 -17.14 -11.96 31.67
N GLY A 265 -16.24 -12.59 30.93
CA GLY A 265 -16.61 -13.38 29.78
C GLY A 265 -16.96 -12.57 28.54
N LYS A 266 -17.34 -11.31 28.76
CA LYS A 266 -17.72 -10.40 27.68
C LYS A 266 -16.51 -9.71 27.07
N VAL A 267 -16.42 -9.69 25.74
CA VAL A 267 -15.26 -9.08 25.08
C VAL A 267 -15.63 -7.81 24.31
N SER A 268 -14.87 -6.76 24.54
CA SER A 268 -15.08 -5.52 23.79
C SER A 268 -13.74 -4.91 23.40
N TYR A 269 -13.79 -3.95 22.49
CA TYR A 269 -12.61 -3.18 22.13
C TYR A 269 -12.93 -1.73 22.43
N GLU A 270 -12.11 -1.13 23.28
CA GLU A 270 -12.39 0.21 23.76
C GLU A 270 -11.33 1.18 23.26
N PRO A 271 -11.77 2.37 22.82
CA PRO A 271 -10.90 3.36 22.20
C PRO A 271 -9.74 3.77 23.10
N ILE A 272 -8.58 3.97 22.51
CA ILE A 272 -7.43 4.47 23.24
C ILE A 272 -7.20 5.93 22.86
N PHE A 273 -7.53 6.83 23.79
CA PHE A 273 -7.29 8.25 23.59
C PHE A 273 -5.84 8.57 23.93
N THR A 274 -5.28 9.53 23.20
CA THR A 274 -3.93 9.99 23.46
C THR A 274 -3.78 11.35 22.81
N LYS A 275 -2.54 11.81 22.65
CA LYS A 275 -2.27 13.15 22.22
C LYS A 275 -1.00 13.10 21.38
N ILE A 276 -0.92 13.91 20.33
CA ILE A 276 0.23 13.87 19.46
C ILE A 276 1.41 14.60 20.08
N SER A 277 2.45 13.85 20.42
CA SER A 277 3.65 14.40 21.02
C SER A 277 4.69 14.83 19.98
N SER A 278 4.67 14.21 18.81
CA SER A 278 5.56 14.58 17.71
C SER A 278 5.05 14.00 16.40
N ILE A 279 5.55 14.55 15.30
CA ILE A 279 5.21 14.05 13.97
C ILE A 279 6.50 13.97 13.17
N ALA A 280 6.78 12.80 12.60
CA ALA A 280 7.99 12.66 11.79
C ALA A 280 7.74 12.03 10.42
N PHE A 281 8.45 12.53 9.41
CA PHE A 281 8.53 11.87 8.11
C PHE A 281 10.00 11.70 7.81
N GLY A 282 10.39 10.50 7.42
CA GLY A 282 11.80 10.21 7.22
C GLY A 282 12.54 10.55 8.50
N ASP A 283 13.59 11.34 8.36
N ASP A 283 13.62 11.29 8.38
CA ASP A 283 14.42 11.73 9.49
CA ASP A 283 14.38 11.70 9.57
C ASP A 283 14.17 13.20 9.88
C ASP A 283 14.15 13.18 9.92
N GLU A 284 12.96 13.68 9.62
CA GLU A 284 12.63 15.07 9.94
C GLU A 284 11.35 15.15 10.76
N GLU A 285 11.27 16.16 11.62
CA GLU A 285 10.08 16.43 12.42
C GLU A 285 9.27 17.56 11.82
N PHE A 286 7.96 17.48 11.97
CA PHE A 286 7.06 18.46 11.38
C PHE A 286 6.00 18.89 12.39
N LYS A 287 5.38 20.04 12.13
CA LYS A 287 4.31 20.54 12.99
C LYS A 287 2.98 19.91 12.62
N GLU A 288 2.85 19.50 11.36
CA GLU A 288 1.61 18.86 10.91
C GLU A 288 1.89 17.76 9.88
N ALA A 289 0.89 16.94 9.65
CA ALA A 289 1.02 15.81 8.74
C ALA A 289 -0.22 15.72 7.86
N LYS A 290 0.01 15.49 6.57
CA LYS A 290 -1.05 15.47 5.56
C LYS A 290 -0.98 14.16 4.80
N PRO A 291 -1.95 13.90 3.89
CA PRO A 291 -1.84 12.64 3.13
C PRO A 291 -0.55 12.50 2.32
N GLY A 292 -0.16 11.27 2.09
CA GLY A 292 1.10 10.99 1.40
C GLY A 292 2.18 10.68 2.41
N GLY A 293 2.88 9.58 2.17
CA GLY A 293 4.01 9.21 3.01
C GLY A 293 3.63 8.40 4.23
N LEU A 294 4.60 7.68 4.76
CA LEU A 294 4.42 6.95 6.00
C LEU A 294 4.83 7.87 7.14
N VAL A 295 3.86 8.33 7.91
CA VAL A 295 4.08 9.24 9.02
C VAL A 295 4.29 8.45 10.31
N ALA A 296 5.18 8.98 11.14
CA ALA A 296 5.41 8.47 12.49
C ALA A 296 4.77 9.43 13.49
N ILE A 297 3.62 9.02 14.05
CA ILE A 297 2.92 9.81 15.06
C ILE A 297 3.40 9.45 16.46
N GLY A 298 4.16 10.33 17.09
CA GLY A 298 4.55 10.13 18.48
C GLY A 298 3.35 10.33 19.39
N THR A 299 3.19 9.45 20.38
CA THR A 299 2.14 9.64 21.37
C THR A 299 2.76 9.77 22.77
N TYR A 300 1.93 9.76 23.81
CA TYR A 300 2.42 9.73 25.19
C TYR A 300 2.09 8.39 25.81
N LEU A 301 1.77 7.42 24.97
CA LEU A 301 1.41 6.09 25.42
C LEU A 301 2.66 5.28 25.72
N ASP A 302 2.56 4.33 26.63
CA ASP A 302 3.66 3.40 26.86
C ASP A 302 3.82 2.52 25.62
N PRO A 303 5.06 2.34 25.16
CA PRO A 303 5.35 1.52 23.97
C PRO A 303 4.85 0.08 24.11
N SER A 304 4.72 -0.42 25.34
CA SER A 304 4.17 -1.76 25.55
C SER A 304 2.71 -1.84 25.07
N LEU A 305 2.01 -0.72 25.07
CA LEU A 305 0.65 -0.69 24.55
C LEU A 305 0.66 -0.59 23.01
N THR A 306 1.44 0.35 22.47
CA THR A 306 1.42 0.58 21.03
C THR A 306 1.92 -0.63 20.24
N LYS A 307 2.69 -1.49 20.90
CA LYS A 307 3.23 -2.69 20.26
C LYS A 307 2.46 -3.95 20.62
N ALA A 308 1.40 -3.80 21.41
CA ALA A 308 0.68 -4.95 21.96
C ALA A 308 -0.21 -5.65 20.95
N ASP A 309 -0.26 -6.97 21.02
CA ASP A 309 -1.16 -7.76 20.20
C ASP A 309 -2.61 -7.48 20.57
N ASN A 310 -2.82 -7.12 21.84
CA ASN A 310 -4.15 -6.80 22.32
C ASN A 310 -4.63 -5.40 21.94
N LEU A 311 -3.76 -4.62 21.31
CA LEU A 311 -4.20 -3.37 20.72
C LEU A 311 -4.60 -3.59 19.27
N LEU A 312 -5.89 -3.50 19.00
CA LEU A 312 -6.38 -3.49 17.63
C LEU A 312 -6.34 -2.06 17.10
N GLY A 313 -5.15 -1.64 16.67
CA GLY A 313 -4.94 -0.30 16.17
C GLY A 313 -4.99 -0.25 14.66
N SER A 314 -6.15 0.08 14.12
CA SER A 314 -6.37 0.05 12.68
C SER A 314 -6.44 1.46 12.10
N ILE A 315 -7.08 2.36 12.82
CA ILE A 315 -7.11 3.77 12.40
C ILE A 315 -6.89 4.74 13.55
N ILE A 316 -6.48 5.94 13.21
CA ILE A 316 -6.38 7.04 14.14
C ILE A 316 -7.23 8.19 13.61
N THR A 317 -8.05 8.77 14.49
CA THR A 317 -8.84 9.95 14.17
C THR A 317 -8.70 10.97 15.30
N LEU A 318 -9.21 12.17 15.07
CA LEU A 318 -9.32 13.16 16.15
C LEU A 318 -10.20 12.57 17.23
N ALA A 319 -9.97 13.02 18.47
CA ALA A 319 -10.70 12.47 19.62
C ALA A 319 -12.21 12.63 19.49
N ASP A 320 -12.67 13.70 18.85
N ASP A 320 -12.62 13.71 18.82
CA ASP A 320 -14.10 13.96 18.79
CA ASP A 320 -14.04 14.08 18.69
C ASP A 320 -14.79 13.36 17.56
C ASP A 320 -14.79 13.29 17.63
N ALA A 321 -14.05 12.56 16.81
CA ALA A 321 -14.62 11.89 15.63
C ALA A 321 -15.69 10.87 16.05
N GLU A 322 -16.78 10.83 15.28
CA GLU A 322 -17.79 9.81 15.49
C GLU A 322 -17.58 8.66 14.52
N VAL A 323 -17.10 7.55 15.06
CA VAL A 323 -16.74 6.40 14.25
C VAL A 323 -17.34 5.13 14.82
N PRO A 324 -18.29 4.53 14.08
CA PRO A 324 -18.85 3.23 14.50
C PRO A 324 -17.76 2.15 14.53
N VAL A 325 -17.84 1.30 15.54
CA VAL A 325 -16.93 0.17 15.67
C VAL A 325 -17.83 -1.05 15.74
N LEU A 326 -17.78 -1.87 14.70
CA LEU A 326 -18.80 -2.89 14.49
C LEU A 326 -18.27 -4.32 14.45
N TRP A 327 -18.93 -5.21 15.17
CA TRP A 327 -18.63 -6.64 15.18
C TRP A 327 -19.39 -7.38 14.07
N ASN A 328 -20.46 -6.77 13.61
CA ASN A 328 -21.31 -7.37 12.59
C ASN A 328 -21.50 -6.32 11.53
N ILE A 329 -21.20 -6.67 10.28
CA ILE A 329 -21.38 -5.68 9.22
C ILE A 329 -22.19 -6.23 8.04
N ARG A 330 -22.74 -5.31 7.27
CA ARG A 330 -23.51 -5.64 6.10
C ARG A 330 -22.72 -5.14 4.90
N ILE A 331 -22.52 -5.99 3.91
CA ILE A 331 -21.76 -5.61 2.73
C ILE A 331 -22.58 -5.80 1.46
N LYS A 332 -22.62 -4.77 0.63
CA LYS A 332 -23.24 -4.88 -0.69
C LYS A 332 -22.13 -5.26 -1.67
N TYR A 333 -22.11 -6.52 -2.07
CA TYR A 333 -20.94 -7.11 -2.73
C TYR A 333 -21.12 -7.44 -4.20
N ASN A 334 -20.00 -7.65 -4.87
CA ASN A 334 -19.90 -8.20 -6.20
C ASN A 334 -18.75 -9.19 -6.19
N LEU A 335 -18.96 -10.32 -6.88
CA LEU A 335 -17.92 -11.32 -7.02
C LEU A 335 -17.23 -11.20 -8.37
N LEU A 336 -15.96 -11.56 -8.39
CA LEU A 336 -15.20 -11.72 -9.63
C LEU A 336 -15.75 -12.94 -10.33
N GLU A 337 -15.57 -13.03 -11.65
CA GLU A 337 -15.99 -14.23 -12.36
C GLU A 337 -15.06 -15.41 -12.06
N ARG A 338 -13.76 -15.15 -12.14
CA ARG A 338 -12.75 -16.19 -11.93
C ARG A 338 -11.87 -15.92 -10.71
N VAL A 339 -11.31 -16.98 -10.13
CA VAL A 339 -10.29 -16.82 -9.09
C VAL A 339 -8.96 -16.44 -9.76
N VAL A 340 -8.82 -15.14 -10.04
CA VAL A 340 -7.74 -14.62 -10.87
C VAL A 340 -6.33 -14.96 -10.38
N GLY A 341 -6.17 -15.20 -9.08
CA GLY A 341 -4.85 -15.45 -8.52
C GLY A 341 -4.47 -16.90 -8.41
N ALA A 342 -5.39 -17.80 -8.75
CA ALA A 342 -5.14 -19.24 -8.66
C ALA A 342 -4.37 -19.72 -9.89
N LYS A 343 -3.69 -20.85 -9.76
CA LYS A 343 -3.01 -21.45 -10.90
C LYS A 343 -3.99 -22.15 -11.83
N GLU A 344 -4.89 -22.94 -11.27
CA GLU A 344 -5.94 -23.59 -12.05
C GLU A 344 -6.93 -22.55 -12.55
N MET A 345 -7.72 -22.92 -13.55
CA MET A 345 -8.81 -22.09 -14.05
C MET A 345 -10.04 -22.33 -13.20
N LEU A 346 -10.40 -21.36 -12.36
CA LEU A 346 -11.51 -21.57 -11.42
C LEU A 346 -12.54 -20.45 -11.43
N LYS A 347 -13.82 -20.83 -11.47
CA LYS A 347 -14.90 -19.89 -11.23
C LYS A 347 -15.01 -19.65 -9.72
N VAL A 348 -15.33 -18.44 -9.30
CA VAL A 348 -15.58 -18.23 -7.89
C VAL A 348 -17.01 -18.67 -7.55
N ASP A 349 -17.11 -19.56 -6.57
CA ASP A 349 -18.41 -20.03 -6.12
C ASP A 349 -19.16 -18.90 -5.45
N PRO A 350 -20.50 -18.97 -5.46
CA PRO A 350 -21.29 -17.96 -4.76
C PRO A 350 -21.03 -17.99 -3.26
N ILE A 351 -21.25 -16.87 -2.61
CA ILE A 351 -21.07 -16.79 -1.16
C ILE A 351 -22.13 -17.62 -0.44
N ARG A 352 -21.69 -18.47 0.47
CA ARG A 352 -22.58 -19.35 1.20
C ARG A 352 -22.63 -19.01 2.69
N ALA A 353 -23.82 -19.11 3.26
CA ALA A 353 -23.99 -18.88 4.69
C ALA A 353 -23.10 -19.85 5.47
N LYS A 354 -22.55 -19.38 6.59
CA LYS A 354 -21.65 -20.13 7.46
C LYS A 354 -20.21 -20.28 6.97
N GLU A 355 -19.89 -19.76 5.78
CA GLU A 355 -18.51 -19.87 5.32
C GLU A 355 -17.65 -18.75 5.89
N THR A 356 -16.35 -19.00 6.01
CA THR A 356 -15.42 -17.99 6.48
C THR A 356 -14.88 -17.15 5.34
N LEU A 357 -15.00 -15.84 5.46
CA LEU A 357 -14.41 -14.92 4.49
C LEU A 357 -13.35 -14.04 5.15
N MET A 358 -12.44 -13.53 4.36
CA MET A 358 -11.45 -12.58 4.82
C MET A 358 -11.83 -11.23 4.27
N LEU A 359 -11.87 -10.22 5.14
CA LEU A 359 -12.28 -8.90 4.73
C LEU A 359 -11.16 -7.91 4.93
N SER A 360 -10.77 -7.27 3.83
CA SER A 360 -9.77 -6.22 3.88
CA SER A 360 -9.78 -6.22 3.86
C SER A 360 -10.49 -4.87 3.91
N VAL A 361 -10.29 -4.15 5.00
CA VAL A 361 -10.90 -2.84 5.21
C VAL A 361 -9.80 -1.88 5.62
N GLY A 362 -9.58 -0.84 4.84
CA GLY A 362 -8.43 0.02 5.06
C GLY A 362 -7.17 -0.82 5.08
N SER A 363 -6.34 -0.62 6.09
CA SER A 363 -5.09 -1.35 6.21
C SER A 363 -5.27 -2.62 7.05
N SER A 364 -6.48 -2.85 7.55
CA SER A 364 -6.73 -4.01 8.40
C SER A 364 -7.25 -5.23 7.64
N THR A 365 -7.08 -6.40 8.26
CA THR A 365 -7.55 -7.67 7.73
C THR A 365 -8.34 -8.38 8.81
N THR A 366 -9.55 -8.83 8.49
CA THR A 366 -10.41 -9.46 9.50
C THR A 366 -11.15 -10.67 8.94
N LEU A 367 -11.02 -11.81 9.62
CA LEU A 367 -11.82 -12.98 9.26
C LEU A 367 -13.24 -12.83 9.80
N GLY A 368 -14.21 -13.43 9.12
CA GLY A 368 -15.60 -13.32 9.54
C GLY A 368 -16.45 -14.49 9.04
N ILE A 369 -17.56 -14.75 9.72
CA ILE A 369 -18.50 -15.78 9.30
C ILE A 369 -19.71 -15.16 8.62
N VAL A 370 -20.08 -15.69 7.46
CA VAL A 370 -21.28 -15.22 6.78
C VAL A 370 -22.54 -15.73 7.49
N THR A 371 -23.28 -14.81 8.07
CA THR A 371 -24.48 -15.16 8.83
C THR A 371 -25.68 -15.16 7.91
N SER A 372 -25.71 -14.22 6.99
CA SER A 372 -26.80 -14.10 6.03
C SER A 372 -26.30 -13.71 4.63
N VAL A 373 -26.87 -14.35 3.61
CA VAL A 373 -26.65 -13.94 2.24
C VAL A 373 -27.97 -13.84 1.47
N LYS A 374 -28.32 -12.61 1.11
CA LYS A 374 -29.54 -12.32 0.36
C LYS A 374 -29.23 -11.39 -0.79
N LYS A 375 -29.49 -11.85 -2.02
CA LYS A 375 -29.23 -11.06 -3.22
C LYS A 375 -27.74 -10.69 -3.29
N ASP A 376 -27.48 -9.39 -3.36
CA ASP A 376 -26.13 -8.86 -3.43
C ASP A 376 -25.76 -8.18 -2.10
N GLU A 377 -26.27 -8.72 -1.01
CA GLU A 377 -25.88 -8.26 0.31
C GLU A 377 -25.57 -9.46 1.20
N ILE A 378 -24.53 -9.33 2.00
CA ILE A 378 -24.22 -10.34 3.00
C ILE A 378 -24.14 -9.67 4.36
N GLU A 379 -24.38 -10.45 5.40
CA GLU A 379 -24.16 -9.98 6.75
C GLU A 379 -23.09 -10.89 7.30
N VAL A 380 -22.06 -10.31 7.91
CA VAL A 380 -20.96 -11.10 8.43
CA VAL A 380 -20.95 -11.10 8.43
C VAL A 380 -20.64 -10.74 9.88
N GLU A 381 -20.42 -11.76 10.69
CA GLU A 381 -20.05 -11.64 12.08
C GLU A 381 -18.55 -11.72 12.14
N LEU A 382 -17.90 -10.62 12.54
CA LEU A 382 -16.45 -10.52 12.49
C LEU A 382 -15.80 -11.08 13.74
N ARG A 383 -14.61 -11.65 13.57
CA ARG A 383 -13.86 -12.21 14.68
C ARG A 383 -13.37 -11.09 15.59
N ARG A 384 -13.16 -9.93 15.00
CA ARG A 384 -12.79 -8.71 15.71
C ARG A 384 -13.47 -7.57 14.98
N PRO A 385 -13.85 -6.51 15.70
CA PRO A 385 -14.61 -5.43 15.06
C PRO A 385 -13.76 -4.56 14.14
N VAL A 386 -14.43 -3.78 13.29
CA VAL A 386 -13.76 -2.85 12.42
C VAL A 386 -14.27 -1.43 12.69
N ALA A 387 -13.42 -0.44 12.43
CA ALA A 387 -13.79 0.95 12.62
C ALA A 387 -14.17 1.54 11.28
N VAL A 388 -15.45 1.84 11.10
CA VAL A 388 -15.94 2.31 9.83
C VAL A 388 -16.06 3.83 9.80
N TRP A 389 -15.04 4.48 9.28
CA TRP A 389 -14.89 5.93 9.39
C TRP A 389 -15.69 6.70 8.34
N SER A 390 -16.37 5.98 7.46
CA SER A 390 -17.16 6.60 6.41
C SER A 390 -18.20 5.62 5.91
N ASN A 391 -19.15 6.14 5.14
CA ASN A 391 -20.24 5.34 4.59
C ASN A 391 -19.86 4.72 3.25
N ASN A 392 -18.81 5.26 2.63
CA ASN A 392 -18.42 4.87 1.29
C ASN A 392 -17.19 3.97 1.25
N ILE A 393 -17.12 3.00 2.15
CA ILE A 393 -15.90 2.21 2.28
C ILE A 393 -15.96 0.89 1.54
N ARG A 394 -15.02 0.72 0.62
CA ARG A 394 -14.94 -0.51 -0.17
C ARG A 394 -14.05 -1.54 0.52
N THR A 395 -14.62 -2.69 0.83
CA THR A 395 -13.85 -3.79 1.39
C THR A 395 -13.49 -4.76 0.27
N VAL A 396 -12.36 -5.45 0.39
CA VAL A 396 -12.01 -6.49 -0.58
C VAL A 396 -12.24 -7.85 0.08
N ILE A 397 -12.85 -8.77 -0.65
CA ILE A 397 -13.26 -10.04 -0.10
C ILE A 397 -12.38 -11.20 -0.58
N SER A 398 -11.90 -12.02 0.36
CA SER A 398 -11.08 -13.15 -0.02
C SER A 398 -11.59 -14.43 0.59
N ARG A 399 -11.25 -15.56 -0.05
CA ARG A 399 -11.70 -16.86 0.39
C ARG A 399 -10.51 -17.82 0.37
N GLN A 400 -10.44 -18.71 1.35
CA GLN A 400 -9.39 -19.70 1.36
C GLN A 400 -9.64 -20.78 0.29
N ILE A 401 -8.72 -20.86 -0.66
CA ILE A 401 -8.78 -21.80 -1.77
C ILE A 401 -7.42 -22.48 -1.92
N ALA A 402 -7.43 -23.82 -1.86
CA ALA A 402 -6.20 -24.60 -2.00
C ALA A 402 -5.11 -24.16 -1.01
N GLY A 403 -5.52 -23.83 0.22
CA GLY A 403 -4.58 -23.44 1.25
C GLY A 403 -3.98 -22.05 1.09
N ARG A 404 -4.61 -21.20 0.29
CA ARG A 404 -4.17 -19.80 0.22
C ARG A 404 -5.37 -18.89 0.21
N TRP A 405 -5.22 -17.69 0.75
CA TRP A 405 -6.29 -16.70 0.67
C TRP A 405 -6.27 -16.05 -0.71
N ARG A 406 -7.38 -16.19 -1.44
CA ARG A 406 -7.51 -15.64 -2.78
C ARG A 406 -8.56 -14.57 -2.82
N MET A 407 -8.21 -13.43 -3.42
CA MET A 407 -9.18 -12.38 -3.67
C MET A 407 -10.27 -12.89 -4.61
N ILE A 408 -11.53 -12.76 -4.21
CA ILE A 408 -12.66 -13.26 -5.01
C ILE A 408 -13.73 -12.22 -5.31
N GLY A 409 -13.56 -11.01 -4.77
CA GLY A 409 -14.57 -9.98 -4.97
C GLY A 409 -14.41 -8.80 -4.03
N TRP A 410 -15.46 -8.00 -3.95
CA TRP A 410 -15.38 -6.75 -3.18
C TRP A 410 -16.78 -6.28 -2.83
N GLY A 411 -16.88 -5.21 -2.07
CA GLY A 411 -18.17 -4.67 -1.71
C GLY A 411 -18.13 -3.36 -0.95
N LEU A 412 -19.30 -2.80 -0.71
CA LEU A 412 -19.44 -1.60 0.09
C LEU A 412 -19.88 -1.96 1.49
N VAL A 413 -19.21 -1.41 2.50
CA VAL A 413 -19.64 -1.60 3.89
C VAL A 413 -20.80 -0.63 4.20
N GLU A 414 -21.97 -1.19 4.46
CA GLU A 414 -23.18 -0.38 4.63
C GLU A 414 -23.49 -0.12 6.09
N ILE A 415 -23.56 1.16 6.46
CA ILE A 415 -23.89 1.55 7.82
C ILE A 415 -25.06 2.54 7.88
C FMT B . 7.56 -11.83 -0.94
O1 FMT B . 8.76 -11.52 -0.86
O2 FMT B . 6.82 -11.56 -1.90
C FMT C . -16.52 -2.72 20.73
O1 FMT C . -17.62 -2.35 20.28
O2 FMT C . -16.33 -3.79 21.32
C FMT D . 3.25 -0.43 16.27
O1 FMT D . 4.35 -0.32 16.82
O2 FMT D . 2.74 -1.50 15.92
C FMT E . -10.83 -0.58 10.20
O1 FMT E . -10.95 -1.37 11.15
O2 FMT E . -9.85 -0.53 9.44
C FMT F . 20.64 -8.16 5.58
O1 FMT F . 20.43 -7.61 4.50
O2 FMT F . 20.86 -9.38 5.71
C FMT G . -4.49 -22.86 -7.29
O1 FMT G . -3.64 -21.98 -7.38
O2 FMT G . -5.06 -23.38 -8.26
C FMT H . 17.02 -13.09 -13.27
O1 FMT H . 16.17 -13.99 -13.42
O2 FMT H . 17.05 -12.28 -12.32
C FMT I . -9.04 -11.09 12.54
O1 FMT I . -9.30 -12.18 12.03
O2 FMT I . -8.98 -10.89 13.76
C FMT J . -15.58 10.70 21.36
O1 FMT J . -15.81 9.53 21.68
O2 FMT J . -15.10 11.55 22.12
C FMT K . 12.90 -8.45 5.13
O1 FMT K . 12.53 -8.13 6.25
O2 FMT K . 13.23 -9.58 4.76
C FMT L . 19.09 -12.69 -0.63
O1 FMT L . 19.38 -12.76 -1.81
O2 FMT L . 18.03 -13.13 -0.14
C FMT M . 15.64 10.68 0.47
O1 FMT M . 15.51 11.81 -0.02
O2 FMT M . 15.41 10.40 1.65
C FMT N . 15.31 15.01 2.49
O1 FMT N . 14.44 15.69 1.93
O2 FMT N . 16.27 14.49 1.94
C FMT O . 6.01 17.15 -19.72
O1 FMT O . 7.09 16.56 -19.71
O2 FMT O . 5.58 17.84 -18.80
C FMT P . 8.88 18.41 -15.40
O1 FMT P . 8.84 19.46 -16.04
O2 FMT P . 7.94 17.63 -15.25
C FMT Q . 10.84 20.69 8.32
O1 FMT Q . 11.81 20.52 7.58
O2 FMT Q . 10.84 20.47 9.53
C FMT R . -1.35 -3.87 27.09
O1 FMT R . -0.49 -3.38 27.84
O2 FMT R . -2.34 -4.49 27.47
C FMT S . -5.50 -22.21 7.22
O1 FMT S . -6.36 -21.41 7.61
O2 FMT S . -4.59 -21.92 6.43
C FMT T . -9.62 -19.94 9.10
O1 FMT T . -10.50 -20.19 8.27
O2 FMT T . -8.47 -19.62 8.81
C FMT U . -1.51 -19.78 -14.66
O1 FMT U . -0.57 -18.99 -14.85
O2 FMT U . -1.40 -20.97 -14.30
C FMT V . 3.80 2.02 -24.65
O1 FMT V . 2.92 1.42 -25.28
O2 FMT V . 3.65 2.55 -23.55
C FMT W . 18.08 14.79 -1.68
O1 FMT W . 19.00 13.97 -1.64
O2 FMT W . 17.09 14.67 -2.41
C FMT X . 10.40 -3.25 11.23
O1 FMT X . 11.20 -3.60 10.35
O2 FMT X . 9.80 -4.02 11.98
C FMT Y . 19.60 23.72 -5.31
O1 FMT Y . 19.99 22.55 -5.27
O2 FMT Y . 18.52 24.07 -5.77
C FMT Z . 20.38 -0.58 -8.21
O1 FMT Z . 19.22 -1.00 -8.08
O2 FMT Z . 21.38 -1.30 -8.27
C FMT AA . -3.42 -2.88 10.17
O1 FMT AA . -2.68 -3.87 10.17
O2 FMT AA . -3.64 -2.16 11.15
C FMT BA . 6.03 21.61 9.06
O1 FMT BA . 6.74 21.59 10.07
O2 FMT BA . 4.86 21.25 9.03
C FMT CA . -8.49 -2.59 0.93
O1 FMT CA . -8.54 -2.95 2.11
O2 FMT CA . -7.43 -2.38 0.33
C FMT DA . -21.79 -4.77 16.45
O1 FMT DA . -22.29 -4.69 15.31
O2 FMT DA . -21.01 -3.93 16.90
PB GDP EA . 10.67 -8.99 -5.68
O1B GDP EA . 10.99 -7.86 -4.73
O2B GDP EA . 9.58 -8.65 -6.66
O3B GDP EA . 10.52 -10.33 -5.02
O3A GDP EA . 11.97 -9.16 -6.60
PA GDP EA . 13.45 -8.70 -6.14
O1A GDP EA . 13.53 -7.20 -6.22
O2A GDP EA . 13.80 -9.40 -4.85
O5' GDP EA . 14.37 -9.32 -7.30
C5' GDP EA . 14.27 -10.70 -7.62
C4' GDP EA . 15.59 -11.20 -8.18
O4' GDP EA . 15.75 -10.75 -9.52
C3' GDP EA . 16.76 -10.65 -7.38
O3' GDP EA . 17.74 -11.67 -7.23
C2' GDP EA . 17.32 -9.55 -8.24
O2' GDP EA . 18.75 -9.48 -8.12
C1' GDP EA . 16.92 -9.93 -9.65
N9 GDP EA . 16.65 -8.75 -10.48
C8 GDP EA . 15.88 -7.68 -10.14
N7 GDP EA . 15.87 -6.77 -11.15
C5 GDP EA . 16.62 -7.26 -12.15
C6 GDP EA . 17.03 -6.81 -13.50
O6 GDP EA . 16.63 -5.72 -13.97
N1 GDP EA . 17.83 -7.61 -14.22
C2 GDP EA . 18.26 -8.80 -13.75
N2 GDP EA . 19.07 -9.56 -14.53
N3 GDP EA . 17.93 -9.27 -12.52
C4 GDP EA . 17.13 -8.56 -11.70
MG MG FA . 10.87 -7.90 -2.60
MG MG GA . 24.42 -7.72 -14.09
NA NA HA . 18.87 11.91 -14.90
NA NA IA . 17.55 -6.64 -23.82
NA NA JA . -5.85 5.33 -2.77
NA NA KA . 16.68 10.20 -3.75
#